data_7EHV
#
_entry.id   7EHV
#
_cell.length_a   112.889
_cell.length_b   112.889
_cell.length_c   113.883
_cell.angle_alpha   90.000
_cell.angle_beta   90.000
_cell.angle_gamma   120.000
#
_symmetry.space_group_name_H-M   'P 65'
#
loop_
_entity.id
_entity.type
_entity.pdbx_description
1 polymer 'Bifunctional methylenetetrahydrofolate dehydrogenase/cyclohydrolase, mitochondrial'
2 non-polymer 1-(3,4-dichlorobenzyl)-8-(((1R,4R)-4-hydroxycyclohexyl)amino)-3,7-dimethyl-3,7-dihydro-1H-purine-2,6-dione
3 non-polymer '(2S)-2-[[4-[(4-azanyl-6-oxidanyl-pyrimidin-5-yl)carbamoylamino]phenyl]carbonylamino]pentanedioic acid'
4 water water
#
_entity_poly.entity_id   1
_entity_poly.type   'polypeptide(L)'
_entity_poly.pdbx_seq_one_letter_code
;EAVVISGRKLAQQIKQEVRQEVEEWVASGNKRPHLSVILVGENPASHSYVLNKTRAAAVVGINSETIMKPASISEEELLN
LINKLNNDDNVDGLLVQLPLPEHIDERRICNAVSPDKDVDGFHVINVGRMCLDQYSMLPATPWGVWEIIKRTGIPTLGKN
VVVAGRSKNVGMPIAMLLHTDGAHERPGGDATVTISHRYTPKEQLKKHTILADIVISAAGIPNLITADMIKEGAAVIDVG
INRVHDPVTAKPKLVGDVDFEGVRQKAGYITPVPGGVGPMTVAMLMKNTIIAAKKVLRLEEREVLKSKELGVATN
;
_entity_poly.pdbx_strand_id   A,B
#
loop_
_chem_comp.id
_chem_comp.type
_chem_comp.name
_chem_comp.formula
J49 non-polymer '(2S)-2-[[4-[(4-azanyl-6-oxidanyl-pyrimidin-5-yl)carbamoylamino]phenyl]carbonylamino]pentanedioic acid' 'C17 H18 N6 O7'
J4L non-polymer 1-(3,4-dichlorobenzyl)-8-(((1R,4R)-4-hydroxycyclohexyl)amino)-3,7-dimethyl-3,7-dihydro-1H-purine-2,6-dione 'C20 H23 Cl2 N5 O3'
#
# COMPACT_ATOMS: atom_id res chain seq x y z
N GLU A 1 -0.70 31.71 17.35
CA GLU A 1 -1.89 31.48 16.52
C GLU A 1 -1.53 30.66 15.27
N ALA A 2 -2.24 29.55 15.07
CA ALA A 2 -2.02 28.69 13.91
C ALA A 2 -2.59 29.33 12.63
N VAL A 3 -1.81 29.25 11.55
CA VAL A 3 -2.30 29.74 10.25
C VAL A 3 -3.23 28.73 9.62
N VAL A 4 -4.33 29.22 9.08
CA VAL A 4 -5.39 28.41 8.52
C VAL A 4 -5.21 28.37 7.01
N ILE A 5 -5.16 27.18 6.45
CA ILE A 5 -5.01 27.00 5.01
C ILE A 5 -6.41 26.93 4.42
N SER A 6 -6.73 27.83 3.51
CA SER A 6 -8.02 27.74 2.83
C SER A 6 -7.92 26.67 1.76
N GLY A 7 -8.54 25.52 2.01
CA GLY A 7 -8.63 24.53 0.97
C GLY A 7 -9.40 25.06 -0.21
N ARG A 8 -10.48 25.77 0.07
CA ARG A 8 -11.33 26.29 -0.98
C ARG A 8 -10.56 27.24 -1.89
N LYS A 9 -9.66 28.04 -1.30
CA LYS A 9 -8.90 28.96 -2.13
C LYS A 9 -7.88 28.21 -2.96
N LEU A 10 -7.10 27.33 -2.30
CA LEU A 10 -6.07 26.57 -3.00
C LEU A 10 -6.65 25.74 -4.12
N ALA A 11 -7.86 25.19 -3.92
CA ALA A 11 -8.52 24.37 -4.93
C ALA A 11 -9.04 25.21 -6.08
N GLN A 12 -9.57 26.40 -5.77
CA GLN A 12 -10.02 27.33 -6.80
C GLN A 12 -8.87 27.70 -7.73
N GLN A 13 -7.68 27.92 -7.15
CA GLN A 13 -6.51 28.20 -7.97
C GLN A 13 -6.14 27.02 -8.87
N ILE A 14 -6.14 25.81 -8.30
CA ILE A 14 -5.82 24.62 -9.09
C ILE A 14 -6.78 24.46 -10.25
N LYS A 15 -8.06 24.78 -10.02
CA LYS A 15 -9.01 24.71 -11.12
C LYS A 15 -8.65 25.69 -12.24
N GLN A 16 -8.16 26.89 -11.87
CA GLN A 16 -7.76 27.87 -12.89
C GLN A 16 -6.60 27.35 -13.73
N GLU A 17 -5.62 26.71 -13.10
CA GLU A 17 -4.59 26.03 -13.88
C GLU A 17 -5.20 24.97 -14.79
N VAL A 18 -6.17 24.22 -14.28
CA VAL A 18 -6.78 23.21 -15.14
C VAL A 18 -7.58 23.88 -16.23
N ARG A 19 -8.38 24.88 -15.87
CA ARG A 19 -9.12 25.70 -16.84
C ARG A 19 -8.27 26.08 -18.05
N GLN A 20 -7.10 26.67 -17.81
CA GLN A 20 -6.27 27.13 -18.92
C GLN A 20 -5.64 25.95 -19.67
N GLU A 21 -5.31 24.87 -18.97
CA GLU A 21 -4.79 23.72 -19.69
C GLU A 21 -5.83 23.10 -20.62
N VAL A 22 -7.12 23.14 -20.23
CA VAL A 22 -8.16 22.59 -21.10
C VAL A 22 -8.37 23.49 -22.31
N GLU A 23 -8.41 24.80 -22.10
CA GLU A 23 -8.62 25.68 -23.25
C GLU A 23 -7.46 25.59 -24.23
N GLU A 24 -6.21 25.44 -23.74
CA GLU A 24 -5.10 25.23 -24.67
C GLU A 24 -5.23 23.91 -25.40
N TRP A 25 -5.60 22.84 -24.68
CA TRP A 25 -5.77 21.53 -25.30
C TRP A 25 -6.84 21.58 -26.40
N VAL A 26 -7.90 22.34 -26.16
CA VAL A 26 -9.00 22.44 -27.11
C VAL A 26 -8.66 23.39 -28.26
N ALA A 27 -8.09 24.56 -27.92
CA ALA A 27 -7.65 25.50 -28.96
C ALA A 27 -6.70 24.82 -29.95
N SER A 28 -5.83 23.93 -29.46
CA SER A 28 -4.94 23.19 -30.34
C SER A 28 -5.66 22.19 -31.20
N GLY A 29 -6.98 22.18 -31.18
CA GLY A 29 -7.76 21.31 -32.04
C GLY A 29 -8.00 19.89 -31.55
N ASN A 30 -8.20 19.70 -30.25
CA ASN A 30 -8.60 18.40 -29.69
C ASN A 30 -10.01 18.50 -29.15
N LYS A 31 -10.62 17.33 -28.91
CA LYS A 31 -11.98 17.29 -28.39
C LYS A 31 -12.03 17.85 -26.97
N ARG A 32 -13.14 18.53 -26.65
CA ARG A 32 -13.37 18.93 -25.27
C ARG A 32 -13.41 17.70 -24.36
N PRO A 33 -12.67 17.71 -23.24
CA PRO A 33 -12.75 16.60 -22.29
C PRO A 33 -14.16 16.40 -21.78
N HIS A 34 -14.54 15.13 -21.63
CA HIS A 34 -15.83 14.80 -21.04
C HIS A 34 -15.64 13.87 -19.84
N LEU A 35 -16.19 14.28 -18.70
CA LEU A 35 -16.25 13.49 -17.48
C LEU A 35 -17.67 12.96 -17.25
N SER A 36 -17.77 11.65 -16.99
CA SER A 36 -19.01 10.98 -16.59
C SER A 36 -18.91 10.51 -15.15
N VAL A 37 -19.90 10.87 -14.34
CA VAL A 37 -20.03 10.41 -12.95
C VAL A 37 -21.28 9.56 -12.86
N ILE A 38 -21.14 8.32 -12.40
CA ILE A 38 -22.30 7.44 -12.16
C ILE A 38 -22.70 7.55 -10.68
N LEU A 39 -23.97 7.89 -10.44
CA LEU A 39 -24.54 7.97 -9.11
C LEU A 39 -25.63 6.93 -8.96
N VAL A 40 -25.48 6.05 -7.96
CA VAL A 40 -26.46 5.00 -7.69
C VAL A 40 -27.14 5.34 -6.36
N GLY A 41 -28.47 5.34 -6.36
CA GLY A 41 -29.19 5.61 -5.13
C GLY A 41 -29.31 7.09 -4.81
N GLU A 42 -29.74 7.37 -3.58
CA GLU A 42 -30.07 8.72 -3.13
C GLU A 42 -29.40 9.06 -1.82
N ASN A 43 -28.20 8.58 -1.58
CA ASN A 43 -27.48 9.13 -0.45
C ASN A 43 -27.38 10.64 -0.65
N PRO A 44 -27.89 11.44 0.28
CA PRO A 44 -27.80 12.90 0.12
C PRO A 44 -26.36 13.41 0.08
N ALA A 45 -25.47 12.85 0.90
CA ALA A 45 -24.08 13.28 0.86
C ALA A 45 -23.48 13.02 -0.51
N SER A 46 -23.74 11.84 -1.06
CA SER A 46 -23.21 11.49 -2.37
C SER A 46 -23.74 12.44 -3.45
N HIS A 47 -25.02 12.81 -3.38
CA HIS A 47 -25.53 13.87 -4.25
C HIS A 47 -24.80 15.19 -4.07
N SER A 48 -24.63 15.64 -2.83
CA SER A 48 -23.92 16.88 -2.60
C SER A 48 -22.55 16.85 -3.29
N TYR A 49 -21.76 15.80 -2.99
CA TYR A 49 -20.40 15.71 -3.51
C TYR A 49 -20.37 15.61 -5.03
N VAL A 50 -21.24 14.79 -5.62
CA VAL A 50 -21.22 14.64 -7.06
C VAL A 50 -21.61 15.95 -7.72
N LEU A 51 -22.51 16.71 -7.10
CA LEU A 51 -22.82 18.04 -7.59
C LEU A 51 -21.56 18.89 -7.63
N ASN A 52 -20.81 18.86 -6.54
CA ASN A 52 -19.57 19.62 -6.49
C ASN A 52 -18.63 19.22 -7.64
N LYS A 53 -18.55 17.93 -7.95
CA LYS A 53 -17.66 17.49 -9.01
C LYS A 53 -18.10 18.04 -10.39
N THR A 54 -19.41 18.06 -10.68
CA THR A 54 -19.82 18.58 -11.99
C THR A 54 -19.77 20.11 -12.06
N ARG A 55 -20.06 20.80 -10.95
CA ARG A 55 -19.79 22.21 -10.86
C ARG A 55 -18.37 22.52 -11.32
N ALA A 56 -17.40 21.84 -10.72
CA ALA A 56 -16.00 22.13 -11.00
C ALA A 56 -15.65 21.78 -12.43
N ALA A 57 -16.22 20.68 -12.94
CA ALA A 57 -15.98 20.34 -14.33
C ALA A 57 -16.45 21.47 -15.25
N ALA A 58 -17.54 22.12 -14.88
CA ALA A 58 -18.05 23.24 -15.67
C ALA A 58 -17.09 24.43 -15.61
N VAL A 59 -16.71 24.83 -14.39
CA VAL A 59 -15.76 25.91 -14.19
C VAL A 59 -14.51 25.74 -15.05
N VAL A 60 -13.97 24.52 -15.15
CA VAL A 60 -12.69 24.37 -15.83
C VAL A 60 -12.88 24.02 -17.29
N GLY A 61 -14.11 24.10 -17.79
CA GLY A 61 -14.34 23.89 -19.20
C GLY A 61 -14.44 22.45 -19.61
N ILE A 62 -14.77 21.54 -18.70
CA ILE A 62 -14.89 20.12 -18.99
C ILE A 62 -16.37 19.75 -19.02
N ASN A 63 -16.81 19.18 -20.13
CA ASN A 63 -18.19 18.71 -20.21
C ASN A 63 -18.41 17.56 -19.23
N SER A 64 -19.55 17.59 -18.54
CA SER A 64 -19.83 16.60 -17.52
C SER A 64 -21.29 16.18 -17.56
N GLU A 65 -21.53 14.94 -17.14
CA GLU A 65 -22.86 14.46 -16.83
C GLU A 65 -22.78 13.58 -15.59
N THR A 66 -23.83 13.64 -14.77
CA THR A 66 -24.04 12.69 -13.69
C THR A 66 -25.15 11.73 -14.12
N ILE A 67 -24.80 10.48 -14.39
CA ILE A 67 -25.80 9.49 -14.77
C ILE A 67 -26.34 8.88 -13.49
N MET A 68 -27.54 9.27 -13.07
CA MET A 68 -28.12 8.77 -11.84
C MET A 68 -28.98 7.54 -12.10
N LYS A 69 -28.79 6.51 -11.28
CA LYS A 69 -29.50 5.25 -11.44
C LYS A 69 -30.12 4.84 -10.12
N PRO A 70 -31.24 4.10 -10.17
CA PRO A 70 -31.95 3.78 -8.92
C PRO A 70 -31.18 2.76 -8.10
N ALA A 71 -31.32 2.86 -6.77
CA ALA A 71 -30.55 1.98 -5.89
C ALA A 71 -30.75 0.50 -6.19
N SER A 72 -31.86 0.14 -6.83
CA SER A 72 -32.19 -1.26 -7.14
C SER A 72 -31.52 -1.76 -8.40
N ILE A 73 -30.62 -0.98 -9.01
CA ILE A 73 -29.97 -1.44 -10.23
C ILE A 73 -29.23 -2.71 -9.88
N SER A 74 -29.10 -3.62 -10.84
CA SER A 74 -28.32 -4.81 -10.61
C SER A 74 -26.86 -4.60 -10.99
N GLU A 75 -26.01 -5.45 -10.45
CA GLU A 75 -24.59 -5.41 -10.78
C GLU A 75 -24.36 -5.62 -12.27
N GLU A 76 -25.11 -6.55 -12.88
CA GLU A 76 -24.93 -6.79 -14.31
C GLU A 76 -25.28 -5.54 -15.13
N GLU A 77 -26.34 -4.82 -14.74
CA GLU A 77 -26.72 -3.60 -15.44
C GLU A 77 -25.64 -2.53 -15.32
N LEU A 78 -25.18 -2.26 -14.09
CA LEU A 78 -24.13 -1.27 -13.87
C LEU A 78 -22.90 -1.58 -14.69
N LEU A 79 -22.60 -2.88 -14.87
CA LEU A 79 -21.45 -3.26 -15.68
C LEU A 79 -21.69 -2.97 -17.16
N ASN A 80 -22.94 -3.07 -17.63
CA ASN A 80 -23.20 -2.76 -19.03
C ASN A 80 -23.10 -1.27 -19.28
N LEU A 81 -23.55 -0.46 -18.31
CA LEU A 81 -23.41 0.98 -18.44
C LEU A 81 -21.93 1.39 -18.48
N ILE A 82 -21.12 0.81 -17.58
CA ILE A 82 -19.70 1.12 -17.59
C ILE A 82 -19.08 0.63 -18.90
N ASN A 83 -19.56 -0.50 -19.42
CA ASN A 83 -19.03 -0.95 -20.70
C ASN A 83 -19.38 0.02 -21.82
N LYS A 84 -20.62 0.53 -21.85
CA LYS A 84 -21.02 1.58 -22.80
C LYS A 84 -20.06 2.76 -22.72
N LEU A 85 -19.86 3.26 -21.49
CA LEU A 85 -19.02 4.43 -21.26
C LEU A 85 -17.54 4.15 -21.58
N ASN A 86 -17.06 2.93 -21.27
CA ASN A 86 -15.68 2.58 -21.64
C ASN A 86 -15.45 2.66 -23.14
N ASN A 87 -16.47 2.36 -23.94
CA ASN A 87 -16.32 2.25 -25.38
C ASN A 87 -16.67 3.52 -26.13
N ASP A 88 -17.20 4.53 -25.45
CA ASP A 88 -17.56 5.79 -26.08
C ASP A 88 -16.35 6.70 -26.10
N ASP A 89 -15.85 6.98 -27.32
CA ASP A 89 -14.63 7.79 -27.47
C ASP A 89 -14.82 9.23 -27.02
N ASN A 90 -16.06 9.70 -26.86
CA ASN A 90 -16.29 11.02 -26.31
C ASN A 90 -16.06 11.09 -24.82
N VAL A 91 -16.13 9.96 -24.12
CA VAL A 91 -15.96 9.96 -22.67
C VAL A 91 -14.51 9.69 -22.35
N ASP A 92 -13.89 10.62 -21.66
CA ASP A 92 -12.49 10.50 -21.26
C ASP A 92 -12.34 10.06 -19.83
N GLY A 93 -13.17 10.57 -18.94
CA GLY A 93 -13.08 10.28 -17.52
C GLY A 93 -14.36 9.65 -17.06
N LEU A 94 -14.25 8.69 -16.13
CA LEU A 94 -15.37 7.88 -15.65
C LEU A 94 -15.12 7.53 -14.19
N LEU A 95 -15.98 7.97 -13.28
CA LEU A 95 -15.88 7.52 -11.89
C LEU A 95 -17.27 7.12 -11.39
N VAL A 96 -17.32 6.07 -10.60
CA VAL A 96 -18.54 5.65 -9.93
C VAL A 96 -18.49 6.20 -8.51
N GLN A 97 -19.53 6.90 -8.10
CA GLN A 97 -19.55 7.41 -6.73
C GLN A 97 -19.78 6.27 -5.75
N LEU A 98 -19.11 6.33 -4.61
CA LEU A 98 -19.22 5.34 -3.56
C LEU A 98 -19.82 5.99 -2.32
N PRO A 99 -20.42 5.20 -1.41
CA PRO A 99 -20.56 3.73 -1.41
C PRO A 99 -21.66 3.18 -2.34
N LEU A 100 -21.52 1.96 -2.84
CA LEU A 100 -22.55 1.33 -3.68
C LEU A 100 -23.48 0.47 -2.81
N PRO A 101 -24.59 0.00 -3.38
CA PRO A 101 -25.46 -0.90 -2.61
C PRO A 101 -24.81 -2.26 -2.37
N GLU A 102 -25.32 -2.93 -1.32
CA GLU A 102 -24.71 -4.16 -0.79
C GLU A 102 -24.70 -5.28 -1.82
N HIS A 103 -25.66 -5.30 -2.73
CA HIS A 103 -25.71 -6.33 -3.77
C HIS A 103 -24.83 -6.04 -4.98
N ILE A 104 -24.10 -4.92 -5.01
CA ILE A 104 -23.08 -4.71 -6.03
C ILE A 104 -21.72 -4.86 -5.39
N ASP A 105 -20.86 -5.66 -6.02
CA ASP A 105 -19.49 -5.78 -5.54
C ASP A 105 -18.70 -4.56 -5.98
N GLU A 106 -18.36 -3.71 -5.01
CA GLU A 106 -17.59 -2.51 -5.27
C GLU A 106 -16.26 -2.80 -5.95
N ARG A 107 -15.60 -3.89 -5.59
CA ARG A 107 -14.31 -4.17 -6.19
C ARG A 107 -14.44 -4.43 -7.67
N ARG A 108 -15.49 -5.14 -8.06
CA ARG A 108 -15.68 -5.52 -9.46
C ARG A 108 -16.08 -4.32 -10.29
N ILE A 109 -16.82 -3.37 -9.70
CA ILE A 109 -17.23 -2.19 -10.44
C ILE A 109 -16.03 -1.30 -10.75
N CYS A 110 -15.27 -0.93 -9.71
CA CYS A 110 -14.07 -0.12 -9.92
C CYS A 110 -13.08 -0.78 -10.86
N ASN A 111 -12.99 -2.11 -10.84
CA ASN A 111 -12.09 -2.76 -11.77
C ASN A 111 -12.69 -2.84 -13.18
N ALA A 112 -13.99 -2.57 -13.34
CA ALA A 112 -14.59 -2.59 -14.68
C ALA A 112 -14.36 -1.30 -15.45
N VAL A 113 -14.12 -0.19 -14.76
CA VAL A 113 -13.81 1.05 -15.45
C VAL A 113 -12.48 0.87 -16.16
N SER A 114 -12.43 1.28 -17.40
CA SER A 114 -11.14 1.38 -18.11
C SER A 114 -10.07 2.06 -17.27
N PRO A 115 -8.89 1.44 -17.14
CA PRO A 115 -7.81 2.13 -16.42
C PRO A 115 -7.43 3.47 -17.04
N ASP A 116 -7.58 3.63 -18.35
CA ASP A 116 -7.30 4.93 -18.94
C ASP A 116 -8.30 5.99 -18.49
N LYS A 117 -9.57 5.61 -18.24
CA LYS A 117 -10.60 6.56 -17.82
C LYS A 117 -10.75 6.67 -16.32
N ASP A 118 -9.96 5.94 -15.54
CA ASP A 118 -10.20 5.76 -14.11
C ASP A 118 -9.70 7.00 -13.35
N VAL A 119 -10.49 8.06 -13.40
CA VAL A 119 -10.02 9.31 -12.80
C VAL A 119 -10.02 9.29 -11.28
N ASP A 120 -10.68 8.32 -10.63
CA ASP A 120 -10.45 8.14 -9.19
C ASP A 120 -9.18 7.35 -8.87
N GLY A 121 -8.60 6.65 -9.82
CA GLY A 121 -7.46 5.81 -9.47
C GLY A 121 -7.83 4.64 -8.58
N PHE A 122 -9.01 4.07 -8.79
CA PHE A 122 -9.51 2.99 -7.95
C PHE A 122 -9.43 1.63 -8.63
N HIS A 123 -9.11 1.59 -9.91
CA HIS A 123 -8.89 0.32 -10.58
C HIS A 123 -7.63 -0.31 -10.03
N VAL A 124 -7.69 -1.63 -9.83
CA VAL A 124 -6.66 -2.35 -9.08
C VAL A 124 -5.29 -2.13 -9.70
N ILE A 125 -5.22 -2.01 -11.04
CA ILE A 125 -3.92 -1.73 -11.65
C ILE A 125 -3.47 -0.31 -11.36
N ASN A 126 -4.40 0.64 -11.22
CA ASN A 126 -3.97 1.98 -10.85
C ASN A 126 -3.61 2.08 -9.38
N VAL A 127 -4.18 1.21 -8.53
CA VAL A 127 -3.69 1.09 -7.16
C VAL A 127 -2.27 0.56 -7.16
N GLY A 128 -2.03 -0.54 -7.90
CA GLY A 128 -0.69 -1.09 -7.97
C GLY A 128 0.32 -0.08 -8.49
N ARG A 129 -0.04 0.63 -9.57
CA ARG A 129 0.85 1.65 -10.12
C ARG A 129 1.17 2.73 -9.10
N MET A 130 0.21 3.05 -8.23
CA MET A 130 0.48 4.04 -7.20
C MET A 130 1.37 3.48 -6.11
N CYS A 131 1.21 2.23 -5.76
CA CYS A 131 2.09 1.68 -4.76
C CYS A 131 3.49 1.58 -5.31
N LEU A 132 3.58 1.32 -6.59
CA LEU A 132 4.87 1.10 -7.24
C LEU A 132 5.48 2.32 -7.95
N ASP A 133 4.87 3.51 -7.83
CA ASP A 133 5.37 4.71 -8.50
C ASP A 133 5.49 4.55 -10.02
N GLN A 134 4.52 3.86 -10.63
CA GLN A 134 4.37 3.79 -12.08
C GLN A 134 3.10 4.48 -12.58
N TYR A 135 2.60 5.46 -11.84
CA TYR A 135 1.27 6.01 -12.10
C TYR A 135 1.36 7.28 -12.95
N SER A 136 0.21 7.63 -13.52
CA SER A 136 -0.01 8.99 -13.99
C SER A 136 -1.22 9.61 -13.31
N MET A 137 -1.94 8.85 -12.48
CA MET A 137 -3.16 9.33 -11.84
C MET A 137 -3.18 8.78 -10.43
N LEU A 138 -3.24 9.63 -9.53
CA LEU A 138 -3.37 9.46 -8.11
C LEU A 138 -4.82 9.62 -7.71
N PRO A 139 -5.26 8.90 -6.67
CA PRO A 139 -6.59 9.17 -6.09
C PRO A 139 -6.68 10.60 -5.59
N ALA A 140 -7.86 11.19 -5.74
CA ALA A 140 -8.00 12.64 -5.64
C ALA A 140 -7.81 13.14 -4.23
N THR A 141 -8.36 12.44 -3.22
CA THR A 141 -8.20 12.90 -1.84
C THR A 141 -6.76 12.78 -1.33
N PRO A 142 -6.09 11.62 -1.43
CA PRO A 142 -4.69 11.58 -1.00
C PRO A 142 -3.83 12.58 -1.76
N TRP A 143 -4.03 12.70 -3.07
CA TRP A 143 -3.30 13.68 -3.85
C TRP A 143 -3.61 15.08 -3.35
N GLY A 144 -4.87 15.37 -3.05
CA GLY A 144 -5.21 16.68 -2.51
C GLY A 144 -4.51 16.98 -1.19
N VAL A 145 -4.35 15.96 -0.33
CA VAL A 145 -3.66 16.19 0.93
C VAL A 145 -2.20 16.52 0.66
N TRP A 146 -1.60 15.87 -0.34
CA TRP A 146 -0.22 16.15 -0.67
C TRP A 146 -0.07 17.58 -1.18
N GLU A 147 -0.98 18.02 -2.06
CA GLU A 147 -0.91 19.37 -2.62
C GLU A 147 -1.02 20.44 -1.53
N ILE A 148 -1.87 20.21 -0.53
CA ILE A 148 -1.91 21.12 0.61
C ILE A 148 -0.53 21.26 1.23
N ILE A 149 0.10 20.13 1.55
CA ILE A 149 1.40 20.15 2.22
C ILE A 149 2.43 20.83 1.32
N LYS A 150 2.44 20.45 0.04
CA LYS A 150 3.45 20.90 -0.92
C LYS A 150 3.29 22.35 -1.27
N ARG A 151 2.07 22.76 -1.59
CA ARG A 151 1.86 24.14 -1.99
C ARG A 151 2.06 25.07 -0.81
N THR A 152 1.77 24.61 0.40
CA THR A 152 2.06 25.39 1.60
C THR A 152 3.55 25.36 1.96
N GLY A 153 4.34 24.47 1.37
CA GLY A 153 5.74 24.38 1.73
C GLY A 153 6.01 23.82 3.10
N ILE A 154 5.13 22.96 3.63
CA ILE A 154 5.39 22.31 4.90
C ILE A 154 6.43 21.22 4.69
N PRO A 155 7.56 21.27 5.40
CA PRO A 155 8.64 20.31 5.13
C PRO A 155 8.25 18.90 5.54
N THR A 156 8.67 17.92 4.73
CA THR A 156 8.33 16.53 4.97
C THR A 156 9.53 15.61 5.13
N LEU A 157 10.67 15.90 4.51
CA LEU A 157 11.80 14.97 4.57
C LEU A 157 12.17 14.65 6.01
N GLY A 158 12.25 13.36 6.31
CA GLY A 158 12.64 12.92 7.64
C GLY A 158 11.61 13.13 8.72
N LYS A 159 10.63 14.01 8.48
CA LYS A 159 9.69 14.40 9.51
C LYS A 159 8.80 13.23 9.89
N ASN A 160 8.08 13.39 11.01
CA ASN A 160 7.15 12.36 11.48
C ASN A 160 5.75 12.71 11.06
N VAL A 161 5.10 11.81 10.35
CA VAL A 161 3.70 11.96 9.99
C VAL A 161 2.90 10.90 10.73
N VAL A 162 1.77 11.30 11.29
CA VAL A 162 0.79 10.35 11.78
C VAL A 162 -0.48 10.56 10.98
N VAL A 163 -1.08 9.45 10.54
CA VAL A 163 -2.36 9.44 9.85
C VAL A 163 -3.31 8.59 10.68
N ALA A 164 -4.52 9.11 10.93
CA ALA A 164 -5.55 8.40 11.72
C ALA A 164 -6.61 7.92 10.73
N GLY A 165 -6.52 6.67 10.33
CA GLY A 165 -7.36 6.14 9.27
C GLY A 165 -8.60 5.50 9.84
N ARG A 166 -9.74 5.84 9.25
CA ARG A 166 -10.96 5.09 9.51
C ARG A 166 -10.93 3.75 8.80
N SER A 167 -10.29 3.69 7.63
CA SER A 167 -10.12 2.48 6.85
C SER A 167 -8.72 2.46 6.24
N LYS A 168 -8.39 1.33 5.61
CA LYS A 168 -7.13 1.23 4.90
C LYS A 168 -7.20 2.01 3.61
N ASN A 169 -8.33 1.93 2.94
CA ASN A 169 -8.62 2.73 1.77
C ASN A 169 -8.50 4.22 2.00
N VAL A 170 -8.58 4.69 3.23
CA VAL A 170 -8.62 6.11 3.51
C VAL A 170 -7.27 6.64 3.99
N GLY A 171 -6.61 5.93 4.89
CA GLY A 171 -5.36 6.46 5.43
C GLY A 171 -4.10 5.98 4.76
N MET A 172 -4.06 4.71 4.31
CA MET A 172 -2.87 4.17 3.67
C MET A 172 -2.42 4.93 2.43
N PRO A 173 -3.30 5.33 1.49
CA PRO A 173 -2.82 6.09 0.33
C PRO A 173 -2.17 7.41 0.71
N ILE A 174 -2.73 8.11 1.69
CA ILE A 174 -2.09 9.32 2.20
C ILE A 174 -0.68 9.01 2.69
N ALA A 175 -0.57 7.97 3.51
CA ALA A 175 0.72 7.52 4.03
C ALA A 175 1.64 7.06 2.91
N MET A 176 1.09 6.24 2.00
CA MET A 176 1.79 5.82 0.81
C MET A 176 2.55 7.00 0.21
N LEU A 177 1.84 8.06 -0.17
CA LEU A 177 2.50 9.19 -0.83
C LEU A 177 3.48 9.89 0.10
N LEU A 178 3.12 10.05 1.37
CA LEU A 178 3.98 10.84 2.23
C LEU A 178 5.24 10.08 2.62
N HIS A 179 5.23 8.76 2.45
CA HIS A 179 6.38 7.93 2.78
C HIS A 179 7.31 7.70 1.60
N THR A 180 6.79 7.81 0.37
CA THR A 180 7.54 7.42 -0.81
C THR A 180 8.77 8.31 -1.01
N ASP A 181 9.80 7.73 -1.62
CA ASP A 181 11.01 8.49 -1.93
C ASP A 181 10.70 9.63 -2.89
N GLY A 182 11.49 10.70 -2.79
CA GLY A 182 11.33 11.88 -3.63
C GLY A 182 11.84 11.76 -5.05
N PRO A 187 5.38 12.89 -6.89
CA PRO A 187 5.20 13.13 -5.45
C PRO A 187 5.91 12.11 -4.54
N GLY A 188 7.07 12.50 -4.00
CA GLY A 188 7.69 11.76 -2.92
C GLY A 188 7.18 12.23 -1.57
N GLY A 189 8.07 12.56 -0.65
CA GLY A 189 7.68 12.91 0.71
C GLY A 189 8.63 12.47 1.81
N ASP A 190 9.28 11.30 1.64
CA ASP A 190 10.47 10.91 2.41
C ASP A 190 10.27 11.07 3.91
N ALA A 191 9.09 10.67 4.40
CA ALA A 191 8.74 10.85 5.79
C ALA A 191 8.61 9.51 6.49
N THR A 192 8.90 9.52 7.79
CA THR A 192 8.47 8.44 8.65
C THR A 192 6.99 8.58 8.89
N VAL A 193 6.24 7.50 8.71
CA VAL A 193 4.79 7.59 8.71
C VAL A 193 4.22 6.60 9.72
N THR A 194 3.25 7.06 10.49
CA THR A 194 2.41 6.20 11.31
C THR A 194 0.99 6.21 10.76
N ILE A 195 0.37 5.05 10.62
CA ILE A 195 -1.04 4.96 10.24
C ILE A 195 -1.77 4.34 11.42
N SER A 196 -2.63 5.13 12.06
CA SER A 196 -3.35 4.68 13.24
C SER A 196 -4.57 3.88 12.81
N HIS A 197 -4.80 2.79 13.51
CA HIS A 197 -5.98 1.98 13.30
C HIS A 197 -7.05 2.41 14.28
N ARG A 198 -8.30 2.39 13.84
CA ARG A 198 -9.41 2.81 14.68
C ARG A 198 -9.64 1.89 15.89
N TYR A 199 -8.88 0.79 16.01
CA TYR A 199 -8.87 -0.03 17.22
C TYR A 199 -7.71 0.31 18.14
N THR A 200 -6.99 1.42 17.90
CA THR A 200 -6.02 1.90 18.88
C THR A 200 -6.68 2.99 19.71
N PRO A 201 -6.75 2.86 21.04
CA PRO A 201 -7.47 3.85 21.84
C PRO A 201 -6.77 5.21 21.77
N LYS A 202 -7.57 6.27 21.91
CA LYS A 202 -7.05 7.63 21.77
C LYS A 202 -5.85 7.85 22.69
N GLU A 203 -5.81 7.13 23.82
CA GLU A 203 -4.68 7.27 24.74
C GLU A 203 -3.37 6.91 24.06
N GLN A 204 -3.38 5.82 23.28
CA GLN A 204 -2.18 5.42 22.59
C GLN A 204 -1.94 6.30 21.39
N LEU A 205 -3.00 6.66 20.71
CA LEU A 205 -2.89 7.53 19.54
C LEU A 205 -2.17 8.83 19.88
N LYS A 206 -2.43 9.36 21.08
CA LYS A 206 -1.74 10.57 21.53
C LYS A 206 -0.23 10.36 21.64
N LYS A 207 0.18 9.14 22.04
CA LYS A 207 1.60 8.85 22.16
C LYS A 207 2.33 9.06 20.84
N HIS A 208 1.62 8.87 19.71
CA HIS A 208 2.18 9.01 18.37
C HIS A 208 2.01 10.41 17.82
N THR A 209 0.82 11.00 18.03
CA THR A 209 0.51 12.31 17.45
C THR A 209 1.37 13.42 18.03
N ILE A 210 1.82 13.28 19.28
CA ILE A 210 2.68 14.30 19.88
C ILE A 210 4.09 14.28 19.30
N LEU A 211 4.55 13.16 18.74
CA LEU A 211 5.83 13.17 18.07
C LEU A 211 5.75 13.75 16.67
N ALA A 212 4.55 13.99 16.17
CA ALA A 212 4.32 14.19 14.74
C ALA A 212 4.47 15.67 14.35
N ASP A 213 5.18 15.90 13.24
CA ASP A 213 5.23 17.23 12.65
C ASP A 213 4.00 17.51 11.81
N ILE A 214 3.38 16.47 11.27
CA ILE A 214 2.15 16.56 10.51
C ILE A 214 1.22 15.49 11.07
N VAL A 215 0.01 15.89 11.45
CA VAL A 215 -1.03 14.96 11.84
C VAL A 215 -2.18 15.12 10.86
N ILE A 216 -2.62 14.03 10.29
CA ILE A 216 -3.63 14.02 9.26
C ILE A 216 -4.72 13.09 9.78
N SER A 217 -5.88 13.63 10.08
CA SER A 217 -6.96 12.84 10.66
C SER A 217 -7.94 12.50 9.56
N ALA A 218 -8.18 11.20 9.39
CA ALA A 218 -9.10 10.69 8.40
C ALA A 218 -10.03 9.65 9.02
N ALA A 219 -10.42 9.86 10.28
CA ALA A 219 -11.10 8.87 11.09
C ALA A 219 -12.62 9.00 11.10
N GLY A 220 -13.16 10.17 10.77
CA GLY A 220 -14.59 10.32 10.86
C GLY A 220 -15.10 10.26 12.29
N ILE A 221 -14.36 10.84 13.23
CA ILE A 221 -14.69 10.88 14.67
C ILE A 221 -14.56 12.33 15.16
N PRO A 222 -15.68 12.97 15.52
CA PRO A 222 -15.60 14.36 15.99
C PRO A 222 -14.69 14.50 17.20
N ASN A 223 -13.89 15.56 17.17
CA ASN A 223 -12.96 15.89 18.25
C ASN A 223 -12.00 14.75 18.57
N LEU A 224 -11.71 13.89 17.58
CA LEU A 224 -10.67 12.89 17.78
C LEU A 224 -9.34 13.53 18.13
N ILE A 225 -9.02 14.65 17.48
CA ILE A 225 -7.72 15.29 17.63
C ILE A 225 -7.93 16.61 18.39
N THR A 226 -7.25 16.75 19.53
CA THR A 226 -7.33 17.96 20.34
C THR A 226 -5.93 18.46 20.66
N ALA A 227 -5.86 19.58 21.40
CA ALA A 227 -4.57 20.26 21.59
C ALA A 227 -3.57 19.43 22.38
N ASP A 228 -4.04 18.69 23.39
CA ASP A 228 -3.12 17.87 24.19
C ASP A 228 -2.36 16.88 23.33
N MET A 229 -2.97 16.43 22.22
CA MET A 229 -2.38 15.44 21.34
C MET A 229 -1.35 16.01 20.37
N ILE A 230 -1.27 17.33 20.22
CA ILE A 230 -0.47 17.94 19.17
C ILE A 230 0.76 18.59 19.79
N LYS A 231 1.84 18.60 19.04
CA LYS A 231 3.01 19.32 19.47
C LYS A 231 3.01 20.71 18.86
N GLU A 232 3.72 21.62 19.53
CA GLU A 232 3.78 23.03 19.17
C GLU A 232 4.22 23.21 17.73
N GLY A 233 3.42 23.91 16.95
CA GLY A 233 3.79 24.27 15.60
C GLY A 233 3.60 23.17 14.57
N ALA A 234 3.07 22.02 14.94
CA ALA A 234 2.83 20.95 13.99
C ALA A 234 1.71 21.32 13.03
N ALA A 235 1.65 20.61 11.91
CA ALA A 235 0.61 20.83 10.90
C ALA A 235 -0.49 19.80 11.08
N VAL A 236 -1.74 20.26 11.01
CA VAL A 236 -2.90 19.38 11.23
C VAL A 236 -3.81 19.50 10.02
N ILE A 237 -3.96 18.39 9.29
CA ILE A 237 -4.86 18.31 8.14
C ILE A 237 -6.09 17.52 8.57
N ASP A 238 -7.28 18.07 8.32
CA ASP A 238 -8.50 17.39 8.72
C ASP A 238 -9.18 16.83 7.48
N VAL A 239 -9.33 15.51 7.41
CA VAL A 239 -9.99 14.85 6.29
C VAL A 239 -11.37 14.30 6.65
N GLY A 240 -11.76 14.30 7.93
CA GLY A 240 -13.07 13.79 8.31
C GLY A 240 -14.23 14.73 7.96
N ILE A 241 -15.30 14.15 7.42
CA ILE A 241 -16.66 14.70 7.47
C ILE A 241 -17.46 14.03 8.56
N ASN A 242 -18.04 14.84 9.45
CA ASN A 242 -18.88 14.38 10.55
C ASN A 242 -20.10 15.28 10.65
N ARG A 243 -21.30 14.70 10.59
CA ARG A 243 -22.54 15.46 10.56
C ARG A 243 -23.06 15.89 11.94
N PRO A 252 -27.55 20.23 13.82
CA PRO A 252 -27.37 19.87 12.41
C PRO A 252 -26.20 20.61 11.70
N LYS A 253 -24.96 20.29 12.07
CA LYS A 253 -23.75 20.88 11.49
C LYS A 253 -22.87 19.81 10.83
N LEU A 254 -21.82 20.27 10.14
CA LEU A 254 -20.83 19.40 9.50
C LEU A 254 -19.44 19.81 9.99
N VAL A 255 -18.74 18.93 10.70
CA VAL A 255 -17.44 19.24 11.29
C VAL A 255 -16.43 18.13 11.00
N GLY A 256 -15.17 18.40 11.37
CA GLY A 256 -14.09 17.46 11.18
C GLY A 256 -13.77 16.66 12.44
N ASP A 257 -12.67 15.90 12.35
CA ASP A 257 -12.16 15.16 13.50
C ASP A 257 -11.32 16.01 14.44
N VAL A 258 -10.98 17.21 14.03
CA VAL A 258 -10.15 18.06 14.87
C VAL A 258 -11.05 18.95 15.70
N ASP A 259 -10.59 19.28 16.91
CA ASP A 259 -11.11 20.38 17.70
C ASP A 259 -10.43 21.63 17.14
N PHE A 260 -11.13 22.27 16.19
CA PHE A 260 -10.54 23.39 15.46
C PHE A 260 -10.13 24.50 16.41
N GLU A 261 -11.07 24.96 17.24
CA GLU A 261 -10.77 26.11 18.09
C GLU A 261 -9.69 25.79 19.10
N GLY A 262 -9.76 24.59 19.69
CA GLY A 262 -8.71 24.14 20.58
C GLY A 262 -7.34 24.18 19.93
N VAL A 263 -7.15 23.37 18.88
CA VAL A 263 -5.80 23.17 18.33
C VAL A 263 -5.34 24.36 17.49
N ARG A 264 -6.26 25.24 17.07
CA ARG A 264 -5.88 26.51 16.45
C ARG A 264 -4.91 27.28 17.33
N GLN A 265 -4.87 26.98 18.64
CA GLN A 265 -3.99 27.69 19.58
C GLN A 265 -2.55 27.18 19.55
N LYS A 266 -2.35 25.89 19.28
CA LYS A 266 -1.01 25.31 19.35
C LYS A 266 -0.48 24.80 18.00
N ALA A 267 -1.34 24.55 17.03
CA ALA A 267 -0.83 24.06 15.76
C ALA A 267 0.00 25.13 15.05
N GLY A 268 0.82 24.70 14.10
CA GLY A 268 1.49 25.62 13.21
C GLY A 268 0.63 25.94 12.00
N TYR A 269 -0.01 24.92 11.46
CA TYR A 269 -0.97 25.05 10.36
C TYR A 269 -2.22 24.26 10.74
N ILE A 270 -3.34 24.61 10.12
CA ILE A 270 -4.54 23.79 10.26
C ILE A 270 -5.44 24.01 9.06
N THR A 271 -6.19 22.94 8.66
CA THR A 271 -7.22 23.08 7.64
C THR A 271 -8.59 23.01 8.31
N PRO A 272 -9.53 23.80 7.81
CA PRO A 272 -10.89 23.82 8.36
C PRO A 272 -11.80 22.80 7.69
N VAL A 273 -12.94 22.58 8.34
CA VAL A 273 -14.02 21.72 7.80
C VAL A 273 -15.32 22.45 8.01
N PRO A 274 -16.11 22.72 6.95
CA PRO A 274 -15.76 22.43 5.55
C PRO A 274 -14.75 23.43 5.03
N GLY A 275 -14.46 23.37 3.74
CA GLY A 275 -13.54 24.29 3.08
C GLY A 275 -12.08 23.94 3.16
N GLY A 276 -11.73 22.72 3.54
CA GLY A 276 -10.36 22.26 3.61
C GLY A 276 -10.01 21.20 2.56
N VAL A 277 -9.94 19.93 2.97
CA VAL A 277 -9.55 18.85 2.07
C VAL A 277 -10.61 18.62 1.00
N GLY A 278 -11.90 18.77 1.34
CA GLY A 278 -12.98 18.49 0.42
C GLY A 278 -12.93 19.23 -0.91
N PRO A 279 -12.68 20.55 -0.89
CA PRO A 279 -12.44 21.25 -2.18
C PRO A 279 -11.19 20.74 -2.90
N MET A 280 -10.14 20.39 -2.15
CA MET A 280 -8.93 19.90 -2.78
C MET A 280 -9.21 18.60 -3.51
N THR A 281 -10.04 17.73 -2.90
CA THR A 281 -10.43 16.45 -3.52
C THR A 281 -11.07 16.69 -4.88
N VAL A 282 -11.98 17.68 -4.95
CA VAL A 282 -12.65 17.97 -6.21
C VAL A 282 -11.68 18.58 -7.19
N ALA A 283 -10.79 19.45 -6.71
CA ALA A 283 -9.77 20.02 -7.58
C ALA A 283 -8.90 18.92 -8.21
N MET A 284 -8.34 18.02 -7.41
CA MET A 284 -7.46 17.01 -7.98
C MET A 284 -8.16 16.13 -9.00
N LEU A 285 -9.48 15.89 -8.83
CA LEU A 285 -10.18 15.10 -9.84
C LEU A 285 -10.17 15.79 -11.20
N MET A 286 -10.21 17.14 -11.23
CA MET A 286 -10.05 17.84 -12.51
C MET A 286 -8.66 17.64 -13.13
N LYS A 287 -7.59 17.74 -12.33
CA LYS A 287 -6.26 17.42 -12.86
C LYS A 287 -6.22 16.01 -13.46
N ASN A 288 -6.77 15.01 -12.76
CA ASN A 288 -6.81 13.64 -13.29
C ASN A 288 -7.58 13.57 -14.60
N THR A 289 -8.68 14.31 -14.71
CA THR A 289 -9.53 14.22 -15.90
C THR A 289 -8.85 14.78 -17.14
N ILE A 290 -8.14 15.91 -17.01
CA ILE A 290 -7.42 16.40 -18.20
C ILE A 290 -6.23 15.50 -18.52
N ILE A 291 -5.60 14.90 -17.50
CA ILE A 291 -4.57 13.89 -17.74
C ILE A 291 -5.16 12.75 -18.55
N ALA A 292 -6.33 12.27 -18.15
CA ALA A 292 -6.94 11.16 -18.88
C ALA A 292 -7.24 11.55 -20.32
N ALA A 293 -7.70 12.79 -20.51
CA ALA A 293 -8.08 13.26 -21.83
C ALA A 293 -6.91 13.33 -22.80
N LYS A 294 -5.68 13.45 -22.30
CA LYS A 294 -4.52 13.43 -23.16
C LYS A 294 -3.94 12.03 -23.36
N LYS A 295 -4.69 10.99 -23.00
CA LYS A 295 -4.32 9.57 -23.20
C LYS A 295 -3.10 9.17 -22.37
N GLU B 1 14.63 -14.11 30.35
CA GLU B 1 15.12 -13.97 28.98
C GLU B 1 13.97 -14.16 27.99
N ALA B 2 14.21 -13.86 26.71
CA ALA B 2 13.15 -13.83 25.70
C ALA B 2 12.96 -15.19 25.05
N VAL B 3 11.70 -15.54 24.76
CA VAL B 3 11.41 -16.66 23.87
C VAL B 3 12.04 -16.39 22.50
N VAL B 4 12.67 -17.40 21.95
CA VAL B 4 13.29 -17.29 20.63
C VAL B 4 12.43 -18.10 19.66
N ILE B 5 11.72 -17.41 18.76
CA ILE B 5 10.93 -18.10 17.76
C ILE B 5 11.86 -18.78 16.77
N SER B 6 11.62 -20.06 16.52
CA SER B 6 12.37 -20.79 15.51
C SER B 6 11.66 -20.67 14.17
N GLY B 7 12.24 -19.89 13.26
CA GLY B 7 11.70 -19.84 11.91
C GLY B 7 11.77 -21.19 11.23
N ARG B 8 12.83 -21.95 11.49
CA ARG B 8 12.98 -23.28 10.91
C ARG B 8 11.82 -24.18 11.28
N LYS B 9 11.39 -24.13 12.54
CA LYS B 9 10.32 -25.03 12.97
C LYS B 9 8.95 -24.55 12.55
N LEU B 10 8.70 -23.25 12.61
CA LEU B 10 7.46 -22.70 12.06
C LEU B 10 7.32 -23.06 10.58
N ALA B 11 8.39 -22.85 9.81
CA ALA B 11 8.36 -23.15 8.39
C ALA B 11 8.10 -24.62 8.15
N GLN B 12 8.59 -25.45 9.08
CA GLN B 12 8.45 -26.89 8.96
C GLN B 12 6.98 -27.30 8.98
N GLN B 13 6.19 -26.79 9.93
CA GLN B 13 4.76 -27.12 9.88
C GLN B 13 4.10 -26.50 8.66
N ILE B 14 4.47 -25.27 8.29
CA ILE B 14 3.89 -24.67 7.09
C ILE B 14 4.19 -25.52 5.86
N LYS B 15 5.44 -26.00 5.75
CA LYS B 15 5.76 -26.87 4.63
C LYS B 15 4.98 -28.18 4.68
N GLN B 16 4.79 -28.73 5.89
CA GLN B 16 4.05 -29.98 6.03
C GLN B 16 2.60 -29.83 5.58
N GLU B 17 1.99 -28.69 5.89
CA GLU B 17 0.67 -28.36 5.37
C GLU B 17 0.67 -28.34 3.84
N VAL B 18 1.71 -27.79 3.23
CA VAL B 18 1.71 -27.67 1.77
C VAL B 18 1.84 -29.05 1.13
N ARG B 19 2.68 -29.92 1.71
CA ARG B 19 2.80 -31.28 1.18
C ARG B 19 1.46 -32.01 1.22
N GLN B 20 0.74 -31.86 2.34
CA GLN B 20 -0.58 -32.49 2.45
C GLN B 20 -1.51 -31.93 1.39
N GLU B 21 -1.56 -30.62 1.27
CA GLU B 21 -2.41 -29.98 0.28
C GLU B 21 -2.09 -30.47 -1.12
N VAL B 22 -0.78 -30.49 -1.45
CA VAL B 22 -0.35 -30.87 -2.79
C VAL B 22 -0.74 -32.32 -3.08
N GLU B 23 -0.54 -33.22 -2.12
CA GLU B 23 -0.81 -34.62 -2.38
C GLU B 23 -2.31 -34.91 -2.48
N GLU B 24 -3.13 -34.27 -1.64
CA GLU B 24 -4.57 -34.42 -1.81
C GLU B 24 -4.99 -33.89 -3.17
N TRP B 25 -4.37 -32.79 -3.60
CA TRP B 25 -4.67 -32.18 -4.89
C TRP B 25 -4.22 -33.09 -6.03
N VAL B 26 -3.07 -33.73 -5.90
CA VAL B 26 -2.65 -34.69 -6.91
C VAL B 26 -3.48 -35.97 -6.81
N ALA B 27 -3.96 -36.30 -5.59
CA ALA B 27 -4.78 -37.50 -5.40
C ALA B 27 -6.09 -37.42 -6.18
N SER B 28 -6.64 -36.23 -6.34
CA SER B 28 -7.81 -36.03 -7.16
C SER B 28 -7.48 -36.06 -8.65
N GLY B 29 -6.30 -36.56 -9.01
CA GLY B 29 -5.90 -36.66 -10.41
C GLY B 29 -5.64 -35.34 -11.08
N ASN B 30 -4.99 -34.41 -10.38
CA ASN B 30 -4.60 -33.16 -11.00
C ASN B 30 -3.13 -33.20 -11.36
N LYS B 31 -2.72 -32.28 -12.24
CA LYS B 31 -1.31 -32.14 -12.59
C LYS B 31 -0.52 -31.79 -11.35
N ARG B 32 0.67 -32.37 -11.23
CA ARG B 32 1.53 -32.01 -10.11
C ARG B 32 1.96 -30.56 -10.26
N PRO B 33 1.90 -29.75 -9.20
CA PRO B 33 2.32 -28.36 -9.31
C PRO B 33 3.77 -28.23 -9.75
N HIS B 34 4.03 -27.27 -10.64
CA HIS B 34 5.37 -26.97 -11.10
C HIS B 34 5.73 -25.51 -10.87
N LEU B 35 6.96 -25.26 -10.43
CA LEU B 35 7.54 -23.93 -10.21
C LEU B 35 8.80 -23.75 -11.05
N SER B 36 8.86 -22.68 -11.84
CA SER B 36 10.10 -22.28 -12.50
C SER B 36 10.63 -21.00 -11.87
N VAL B 37 11.95 -20.98 -11.61
CA VAL B 37 12.66 -19.82 -11.08
C VAL B 37 13.74 -19.45 -12.07
N ILE B 38 13.81 -18.18 -12.45
CA ILE B 38 14.83 -17.68 -13.35
C ILE B 38 15.92 -17.01 -12.54
N LEU B 39 17.16 -17.40 -12.80
CA LEU B 39 18.32 -16.89 -12.09
C LEU B 39 19.21 -16.27 -13.14
N VAL B 40 19.46 -14.97 -13.01
CA VAL B 40 20.34 -14.24 -13.89
C VAL B 40 21.61 -13.93 -13.09
N GLY B 41 22.77 -14.24 -13.66
CA GLY B 41 24.02 -13.89 -13.02
C GLY B 41 24.50 -14.91 -11.99
N GLU B 42 25.56 -14.50 -11.29
CA GLU B 42 26.29 -15.38 -10.38
C GLU B 42 26.35 -14.81 -8.96
N ASN B 43 25.35 -14.05 -8.57
CA ASN B 43 25.27 -13.58 -7.20
C ASN B 43 25.19 -14.76 -6.23
N PRO B 44 26.18 -14.95 -5.34
CA PRO B 44 26.20 -16.17 -4.52
C PRO B 44 25.04 -16.25 -3.55
N ALA B 45 24.65 -15.11 -2.96
CA ALA B 45 23.48 -15.12 -2.10
C ALA B 45 22.25 -15.59 -2.88
N SER B 46 22.08 -15.07 -4.10
CA SER B 46 20.90 -15.41 -4.90
C SER B 46 20.82 -16.90 -5.25
N HIS B 47 21.96 -17.51 -5.62
CA HIS B 47 21.95 -18.94 -5.91
C HIS B 47 21.62 -19.74 -4.66
N SER B 48 22.18 -19.34 -3.53
CA SER B 48 21.83 -19.95 -2.25
C SER B 48 20.33 -19.92 -2.02
N TYR B 49 19.71 -18.74 -2.20
CA TYR B 49 18.30 -18.54 -1.92
C TYR B 49 17.42 -19.32 -2.89
N VAL B 50 17.79 -19.34 -4.18
CA VAL B 50 17.00 -20.11 -5.15
C VAL B 50 17.10 -21.60 -4.83
N LEU B 51 18.27 -22.05 -4.40
CA LEU B 51 18.44 -23.44 -4.03
C LEU B 51 17.54 -23.81 -2.85
N ASN B 52 17.52 -22.97 -1.83
CA ASN B 52 16.61 -23.21 -0.71
C ASN B 52 15.19 -23.40 -1.22
N LYS B 53 14.80 -22.59 -2.22
CA LYS B 53 13.43 -22.61 -2.71
C LYS B 53 13.15 -23.89 -3.48
N THR B 54 14.09 -24.34 -4.32
CA THR B 54 13.90 -25.58 -5.05
C THR B 54 13.95 -26.80 -4.11
N ARG B 55 14.79 -26.76 -3.07
CA ARG B 55 14.77 -27.82 -2.08
C ARG B 55 13.39 -27.94 -1.44
N ALA B 56 12.84 -26.80 -1.01
CA ALA B 56 11.54 -26.83 -0.37
C ALA B 56 10.48 -27.37 -1.31
N ALA B 57 10.57 -27.00 -2.60
CA ALA B 57 9.58 -27.47 -3.56
C ALA B 57 9.63 -28.98 -3.69
N ALA B 58 10.82 -29.55 -3.71
CA ALA B 58 10.95 -30.99 -3.85
C ALA B 58 10.30 -31.69 -2.69
N VAL B 59 10.64 -31.26 -1.47
CA VAL B 59 10.19 -31.94 -0.28
C VAL B 59 8.70 -31.75 -0.04
N VAL B 60 8.05 -30.72 -0.59
CA VAL B 60 6.60 -30.55 -0.44
C VAL B 60 5.83 -31.11 -1.62
N GLY B 61 6.50 -31.77 -2.57
CA GLY B 61 5.82 -32.42 -3.65
C GLY B 61 5.62 -31.58 -4.90
N ILE B 62 6.35 -30.47 -5.03
CA ILE B 62 6.21 -29.55 -6.15
C ILE B 62 7.42 -29.69 -7.06
N ASN B 63 7.19 -29.97 -8.34
CA ASN B 63 8.27 -30.02 -9.32
C ASN B 63 8.78 -28.61 -9.61
N SER B 64 10.03 -28.55 -10.03
CA SER B 64 10.71 -27.27 -10.05
C SER B 64 11.81 -27.36 -11.07
N GLU B 65 12.09 -26.24 -11.71
CA GLU B 65 13.32 -26.09 -12.49
C GLU B 65 13.88 -24.71 -12.21
N THR B 66 15.19 -24.64 -12.08
CA THR B 66 15.86 -23.36 -12.10
C THR B 66 16.54 -23.19 -13.46
N ILE B 67 16.28 -22.07 -14.10
CA ILE B 67 16.84 -21.73 -15.39
C ILE B 67 17.85 -20.61 -15.14
N MET B 68 19.13 -20.95 -15.21
CA MET B 68 20.20 -19.98 -15.01
C MET B 68 20.63 -19.42 -16.35
N LYS B 69 20.50 -18.08 -16.52
CA LYS B 69 20.94 -17.30 -17.66
C LYS B 69 22.08 -16.40 -17.23
N PRO B 70 23.09 -16.23 -18.07
CA PRO B 70 24.20 -15.33 -17.73
C PRO B 70 23.77 -13.87 -17.64
N ALA B 71 24.50 -13.12 -16.80
CA ALA B 71 24.19 -11.69 -16.54
C ALA B 71 24.03 -10.89 -17.82
N SER B 72 24.87 -11.14 -18.81
CA SER B 72 24.83 -10.37 -20.05
C SER B 72 23.61 -10.65 -20.87
N ILE B 73 22.63 -11.40 -20.37
CA ILE B 73 21.40 -11.59 -21.11
C ILE B 73 20.78 -10.21 -21.32
N SER B 74 20.09 -10.05 -22.43
CA SER B 74 19.44 -8.78 -22.68
C SER B 74 18.05 -8.79 -22.10
N GLU B 75 17.55 -7.59 -21.84
CA GLU B 75 16.17 -7.47 -21.38
C GLU B 75 15.21 -8.10 -22.38
N GLU B 76 15.51 -8.06 -23.68
CA GLU B 76 14.59 -8.63 -24.65
C GLU B 76 14.56 -10.15 -24.52
N GLU B 77 15.75 -10.77 -24.46
CA GLU B 77 15.84 -12.22 -24.34
C GLU B 77 15.22 -12.71 -23.04
N LEU B 78 15.41 -11.95 -21.97
CA LEU B 78 14.75 -12.29 -20.72
C LEU B 78 13.24 -12.21 -20.88
N LEU B 79 12.74 -11.21 -21.61
CA LEU B 79 11.29 -11.13 -21.83
C LEU B 79 10.79 -12.25 -22.71
N ASN B 80 11.59 -12.69 -23.69
CA ASN B 80 11.22 -13.84 -24.48
C ASN B 80 11.09 -15.08 -23.60
N LEU B 81 12.09 -15.32 -22.76
CA LEU B 81 12.05 -16.46 -21.84
C LEU B 81 10.83 -16.43 -20.95
N ILE B 82 10.50 -15.25 -20.41
CA ILE B 82 9.32 -15.12 -19.56
C ILE B 82 8.07 -15.40 -20.36
N ASN B 83 8.05 -14.95 -21.61
CA ASN B 83 6.89 -15.22 -22.43
C ASN B 83 6.71 -16.72 -22.65
N LYS B 84 7.79 -17.44 -22.98
CA LYS B 84 7.68 -18.89 -23.17
C LYS B 84 7.03 -19.54 -21.96
N LEU B 85 7.53 -19.19 -20.76
CA LEU B 85 7.06 -19.81 -19.53
C LEU B 85 5.63 -19.42 -19.21
N ASN B 86 5.25 -18.17 -19.48
CA ASN B 86 3.86 -17.77 -19.28
C ASN B 86 2.92 -18.66 -20.07
N ASN B 87 3.34 -19.07 -21.27
CA ASN B 87 2.51 -19.84 -22.18
C ASN B 87 2.57 -21.35 -21.97
N ASP B 88 3.61 -21.85 -21.28
CA ASP B 88 3.71 -23.28 -21.02
C ASP B 88 2.68 -23.69 -19.98
N ASP B 89 1.80 -24.62 -20.35
CA ASP B 89 0.74 -25.03 -19.44
C ASP B 89 1.25 -25.89 -18.29
N ASN B 90 2.44 -26.47 -18.44
CA ASN B 90 3.03 -27.21 -17.34
C ASN B 90 3.48 -26.30 -16.20
N VAL B 91 3.80 -25.04 -16.49
CA VAL B 91 4.39 -24.13 -15.50
C VAL B 91 3.27 -23.42 -14.72
N ASP B 92 3.16 -23.71 -13.42
CA ASP B 92 2.15 -23.05 -12.60
C ASP B 92 2.69 -21.79 -11.95
N GLY B 93 3.93 -21.84 -11.48
CA GLY B 93 4.54 -20.74 -10.80
C GLY B 93 5.80 -20.30 -11.50
N LEU B 94 5.95 -19.00 -11.65
CA LEU B 94 7.09 -18.37 -12.28
C LEU B 94 7.57 -17.28 -11.34
N LEU B 95 8.85 -17.25 -11.00
CA LEU B 95 9.38 -16.09 -10.32
C LEU B 95 10.76 -15.78 -10.88
N VAL B 96 11.09 -14.50 -10.83
CA VAL B 96 12.40 -14.00 -11.22
C VAL B 96 13.13 -13.58 -9.95
N GLN B 97 14.22 -14.29 -9.63
CA GLN B 97 15.08 -13.86 -8.55
C GLN B 97 15.68 -12.50 -8.88
N LEU B 98 15.62 -11.61 -7.90
CA LEU B 98 16.11 -10.26 -7.88
C LEU B 98 17.26 -10.18 -6.89
N PRO B 99 18.22 -9.25 -7.08
CA PRO B 99 18.30 -8.19 -8.11
C PRO B 99 18.72 -8.66 -9.51
N LEU B 100 18.50 -7.82 -10.51
CA LEU B 100 18.88 -8.09 -11.89
C LEU B 100 20.04 -7.18 -12.29
N PRO B 101 20.69 -7.45 -13.43
CA PRO B 101 21.78 -6.55 -13.87
C PRO B 101 21.27 -5.16 -14.17
N GLU B 102 22.14 -4.17 -13.96
CA GLU B 102 21.74 -2.76 -14.07
C GLU B 102 21.12 -2.43 -15.43
N HIS B 103 21.48 -3.18 -16.47
CA HIS B 103 20.97 -2.89 -17.80
C HIS B 103 19.57 -3.42 -18.04
N ILE B 104 18.94 -4.07 -17.07
CA ILE B 104 17.59 -4.60 -17.23
C ILE B 104 16.67 -3.89 -16.26
N ASP B 105 15.50 -3.47 -16.74
CA ASP B 105 14.55 -2.78 -15.87
C ASP B 105 13.71 -3.82 -15.13
N GLU B 106 13.95 -3.94 -13.82
CA GLU B 106 13.23 -4.91 -13.00
C GLU B 106 11.72 -4.69 -13.05
N ARG B 107 11.29 -3.46 -13.26
CA ARG B 107 9.86 -3.17 -13.26
C ARG B 107 9.17 -3.75 -14.50
N ARG B 108 9.79 -3.67 -15.68
CA ARG B 108 9.16 -4.29 -16.84
C ARG B 108 9.20 -5.80 -16.76
N ILE B 109 10.33 -6.35 -16.28
CA ILE B 109 10.43 -7.79 -16.08
C ILE B 109 9.31 -8.29 -15.17
N CYS B 110 9.12 -7.64 -14.02
CA CYS B 110 8.11 -8.09 -13.07
C CYS B 110 6.69 -7.91 -13.60
N ASN B 111 6.46 -6.91 -14.44
CA ASN B 111 5.12 -6.87 -15.01
C ASN B 111 4.96 -7.83 -16.19
N ALA B 112 6.05 -8.42 -16.67
CA ALA B 112 5.95 -9.40 -17.75
C ALA B 112 5.56 -10.80 -17.28
N VAL B 113 5.75 -11.13 -16.00
CA VAL B 113 5.28 -12.42 -15.48
C VAL B 113 3.76 -12.44 -15.51
N SER B 114 3.17 -13.53 -15.99
CA SER B 114 1.71 -13.62 -15.96
C SER B 114 1.23 -13.45 -14.52
N PRO B 115 0.20 -12.63 -14.29
CA PRO B 115 -0.26 -12.45 -12.90
C PRO B 115 -0.77 -13.73 -12.27
N ASP B 116 -1.26 -14.68 -13.07
CA ASP B 116 -1.71 -15.96 -12.53
C ASP B 116 -0.56 -16.83 -12.04
N LYS B 117 0.62 -16.71 -12.64
CA LYS B 117 1.80 -17.45 -12.27
C LYS B 117 2.71 -16.70 -11.31
N ASP B 118 2.37 -15.47 -10.94
CA ASP B 118 3.27 -14.55 -10.23
C ASP B 118 3.28 -14.92 -8.75
N VAL B 119 4.09 -15.93 -8.41
CA VAL B 119 4.08 -16.45 -7.04
C VAL B 119 4.81 -15.54 -6.07
N ASP B 120 5.59 -14.55 -6.55
CA ASP B 120 6.14 -13.52 -5.68
C ASP B 120 5.16 -12.39 -5.41
N GLY B 121 4.12 -12.23 -6.23
CA GLY B 121 3.22 -11.10 -6.13
C GLY B 121 3.85 -9.75 -6.41
N PHE B 122 4.81 -9.68 -7.34
CA PHE B 122 5.50 -8.43 -7.65
C PHE B 122 4.91 -7.73 -8.86
N HIS B 123 4.07 -8.40 -9.63
CA HIS B 123 3.41 -7.81 -10.77
C HIS B 123 2.46 -6.70 -10.30
N VAL B 124 2.32 -5.68 -11.13
CA VAL B 124 1.65 -4.47 -10.65
C VAL B 124 0.22 -4.76 -10.23
N ILE B 125 -0.46 -5.67 -10.95
CA ILE B 125 -1.84 -6.04 -10.61
C ILE B 125 -1.91 -6.72 -9.25
N ASN B 126 -0.92 -7.57 -8.94
CA ASN B 126 -0.97 -8.29 -7.68
C ASN B 126 -0.57 -7.40 -6.51
N VAL B 127 0.23 -6.36 -6.76
CA VAL B 127 0.48 -5.36 -5.73
C VAL B 127 -0.81 -4.64 -5.39
N GLY B 128 -1.61 -4.30 -6.40
CA GLY B 128 -2.88 -3.65 -6.14
C GLY B 128 -3.86 -4.56 -5.42
N ARG B 129 -3.93 -5.83 -5.84
CA ARG B 129 -4.83 -6.74 -5.15
C ARG B 129 -4.46 -6.87 -3.67
N MET B 130 -3.17 -6.93 -3.36
CA MET B 130 -2.81 -6.96 -1.95
C MET B 130 -3.16 -5.64 -1.25
N CYS B 131 -3.10 -4.52 -1.92
CA CYS B 131 -3.47 -3.30 -1.27
C CYS B 131 -4.95 -3.29 -1.03
N LEU B 132 -5.66 -3.85 -1.97
CA LEU B 132 -7.13 -3.80 -1.94
C LEU B 132 -7.82 -5.05 -1.35
N ASP B 133 -7.08 -5.98 -0.72
CA ASP B 133 -7.67 -7.19 -0.11
C ASP B 133 -8.47 -8.04 -1.10
N GLN B 134 -7.82 -8.34 -2.21
CA GLN B 134 -8.45 -8.91 -3.39
C GLN B 134 -7.56 -10.01 -3.95
N TYR B 135 -6.54 -10.40 -3.19
CA TYR B 135 -5.41 -11.18 -3.67
C TYR B 135 -5.70 -12.66 -3.57
N SER B 136 -4.99 -13.43 -4.39
CA SER B 136 -4.77 -14.85 -4.15
C SER B 136 -3.43 -15.12 -3.52
N MET B 137 -2.45 -14.25 -3.74
CA MET B 137 -1.07 -14.61 -3.47
C MET B 137 -0.35 -13.43 -2.83
N LEU B 138 0.31 -13.70 -1.76
CA LEU B 138 0.95 -12.65 -1.04
C LEU B 138 2.46 -12.74 -1.21
N PRO B 139 3.15 -11.60 -1.26
CA PRO B 139 4.62 -11.60 -1.21
C PRO B 139 5.15 -12.41 -0.03
N ALA B 140 6.13 -13.26 -0.32
CA ALA B 140 6.50 -14.33 0.60
C ALA B 140 7.05 -13.79 1.91
N THR B 141 7.97 -12.82 1.83
CA THR B 141 8.54 -12.31 3.07
C THR B 141 7.54 -11.57 3.92
N PRO B 142 6.71 -10.65 3.41
CA PRO B 142 5.69 -10.06 4.29
C PRO B 142 4.77 -11.12 4.86
N TRP B 143 4.25 -12.01 4.03
CA TRP B 143 3.41 -13.09 4.53
C TRP B 143 4.14 -13.93 5.58
N GLY B 144 5.45 -14.18 5.37
CA GLY B 144 6.20 -14.94 6.33
C GLY B 144 6.30 -14.26 7.68
N VAL B 145 6.55 -12.96 7.66
CA VAL B 145 6.62 -12.23 8.92
C VAL B 145 5.28 -12.29 9.62
N TRP B 146 4.21 -12.21 8.84
CA TRP B 146 2.87 -12.31 9.39
C TRP B 146 2.66 -13.67 10.04
N GLU B 147 3.06 -14.74 9.36
CA GLU B 147 2.80 -16.07 9.90
C GLU B 147 3.61 -16.30 11.16
N ILE B 148 4.85 -15.79 11.21
CA ILE B 148 5.60 -15.81 12.46
C ILE B 148 4.74 -15.25 13.58
N ILE B 149 4.31 -14.00 13.40
CA ILE B 149 3.53 -13.31 14.43
C ILE B 149 2.27 -14.10 14.76
N LYS B 150 1.53 -14.50 13.74
CA LYS B 150 0.22 -15.09 13.97
C LYS B 150 0.35 -16.50 14.53
N ARG B 151 1.33 -17.26 14.05
CA ARG B 151 1.46 -18.63 14.54
C ARG B 151 2.09 -18.66 15.93
N THR B 152 3.01 -17.74 16.23
CA THR B 152 3.49 -17.56 17.60
C THR B 152 2.42 -16.97 18.51
N GLY B 153 1.31 -16.50 17.98
CA GLY B 153 0.23 -16.01 18.83
C GLY B 153 0.51 -14.67 19.48
N ILE B 154 1.36 -13.86 18.88
CA ILE B 154 1.58 -12.51 19.40
C ILE B 154 0.39 -11.63 19.08
N PRO B 155 -0.19 -10.94 20.04
CA PRO B 155 -1.37 -10.11 19.76
C PRO B 155 -0.99 -8.87 18.98
N THR B 156 -1.84 -8.50 18.03
CA THR B 156 -1.63 -7.33 17.20
C THR B 156 -2.74 -6.29 17.29
N LEU B 157 -4.00 -6.71 17.47
CA LEU B 157 -5.15 -5.83 17.36
C LEU B 157 -4.99 -4.60 18.24
N GLY B 158 -4.96 -3.43 17.60
CA GLY B 158 -4.75 -2.14 18.24
C GLY B 158 -3.39 -1.92 18.85
N LYS B 159 -2.42 -2.79 18.61
CA LYS B 159 -1.12 -2.64 19.24
C LYS B 159 -0.18 -1.86 18.32
N ASN B 160 0.98 -1.49 18.83
CA ASN B 160 1.88 -0.60 18.11
C ASN B 160 2.97 -1.40 17.42
N VAL B 161 2.98 -1.38 16.09
CA VAL B 161 3.98 -2.04 15.27
C VAL B 161 4.85 -0.99 14.62
N VAL B 162 6.17 -1.16 14.68
CA VAL B 162 7.12 -0.30 13.98
C VAL B 162 7.89 -1.17 13.00
N VAL B 163 7.98 -0.72 11.74
CA VAL B 163 8.68 -1.43 10.66
C VAL B 163 9.80 -0.54 10.16
N ALA B 164 11.02 -1.08 10.12
CA ALA B 164 12.21 -0.34 9.73
C ALA B 164 12.60 -0.82 8.34
N GLY B 165 12.11 -0.13 7.31
CA GLY B 165 12.33 -0.56 5.94
C GLY B 165 13.58 0.05 5.33
N ARG B 166 14.37 -0.81 4.66
CA ARG B 166 15.43 -0.32 3.79
C ARG B 166 14.86 0.42 2.58
N SER B 167 13.71 -0.02 2.09
CA SER B 167 13.02 0.59 0.96
C SER B 167 11.53 0.34 1.13
N LYS B 168 10.74 1.12 0.40
CA LYS B 168 9.29 0.97 0.41
C LYS B 168 8.87 -0.42 -0.04
N ASN B 169 9.54 -1.01 -1.05
CA ASN B 169 9.29 -2.41 -1.44
C ASN B 169 9.22 -3.34 -0.26
N VAL B 170 9.94 -3.00 0.81
CA VAL B 170 10.26 -3.93 1.87
C VAL B 170 9.32 -3.77 3.07
N GLY B 171 9.25 -2.56 3.62
CA GLY B 171 8.53 -2.34 4.85
C GLY B 171 7.06 -2.04 4.64
N MET B 172 6.74 -1.42 3.50
CA MET B 172 5.35 -1.10 3.21
C MET B 172 4.48 -2.35 3.11
N PRO B 173 4.83 -3.38 2.32
CA PRO B 173 4.00 -4.59 2.30
C PRO B 173 3.87 -5.24 3.66
N ILE B 174 4.91 -5.18 4.49
CA ILE B 174 4.78 -5.75 5.83
C ILE B 174 3.78 -4.94 6.64
N ALA B 175 3.94 -3.62 6.62
CA ALA B 175 3.02 -2.74 7.33
C ALA B 175 1.59 -2.92 6.80
N MET B 176 1.45 -2.98 5.48
CA MET B 176 0.15 -3.14 4.84
C MET B 176 -0.62 -4.33 5.40
N LEU B 177 0.06 -5.47 5.61
CA LEU B 177 -0.64 -6.65 6.11
C LEU B 177 -1.04 -6.47 7.58
N LEU B 178 -0.15 -5.88 8.38
CA LEU B 178 -0.43 -5.76 9.81
C LEU B 178 -1.45 -4.68 10.10
N HIS B 179 -1.55 -3.68 9.21
CA HIS B 179 -2.51 -2.60 9.41
C HIS B 179 -3.91 -2.96 8.87
N THR B 180 -4.01 -3.97 8.01
CA THR B 180 -5.27 -4.38 7.41
C THR B 180 -6.28 -4.86 8.46
N ASP B 181 -7.56 -4.87 8.06
CA ASP B 181 -8.63 -5.42 8.89
C ASP B 181 -8.57 -6.94 8.92
N GLY B 182 -8.76 -7.51 10.12
CA GLY B 182 -8.89 -8.96 10.27
C GLY B 182 -10.19 -9.52 9.71
N PRO B 187 -5.25 -12.92 6.42
CA PRO B 187 -4.28 -12.11 7.16
C PRO B 187 -4.80 -10.69 7.37
N GLY B 188 -4.07 -9.86 8.11
CA GLY B 188 -4.60 -8.60 8.62
C GLY B 188 -4.71 -8.57 10.14
N GLY B 189 -3.97 -7.66 10.79
CA GLY B 189 -3.91 -7.65 12.24
C GLY B 189 -4.45 -6.45 13.02
N ASP B 190 -5.11 -5.50 12.34
CA ASP B 190 -5.79 -4.36 12.99
C ASP B 190 -4.84 -3.55 13.88
N ALA B 191 -3.61 -3.35 13.41
CA ALA B 191 -2.59 -2.72 14.24
C ALA B 191 -2.26 -1.31 13.75
N THR B 192 -1.79 -0.48 14.67
CA THR B 192 -1.16 0.77 14.33
C THR B 192 0.28 0.47 13.93
N VAL B 193 0.72 1.06 12.82
CA VAL B 193 1.99 0.72 12.21
C VAL B 193 2.74 1.99 11.88
N THR B 194 4.01 2.04 12.28
CA THR B 194 4.92 3.09 11.89
C THR B 194 5.92 2.53 10.90
N ILE B 195 6.21 3.27 9.84
CA ILE B 195 7.18 2.85 8.84
C ILE B 195 8.29 3.88 8.83
N SER B 196 9.41 3.52 9.43
CA SER B 196 10.53 4.43 9.41
C SER B 196 11.12 4.46 8.01
N HIS B 197 11.58 5.64 7.65
CA HIS B 197 12.30 5.80 6.41
C HIS B 197 13.78 5.50 6.67
N ARG B 198 14.49 5.11 5.62
CA ARG B 198 15.93 4.99 5.73
C ARG B 198 16.57 6.33 6.11
N TYR B 199 15.90 7.44 5.75
CA TYR B 199 16.29 8.81 6.11
C TYR B 199 15.83 9.16 7.52
N THR B 200 16.12 8.32 8.52
CA THR B 200 15.61 8.57 9.86
C THR B 200 16.75 8.48 10.87
N PRO B 201 16.91 9.49 11.73
CA PRO B 201 17.93 9.43 12.79
C PRO B 201 17.62 8.32 13.78
N LYS B 202 18.66 7.62 14.22
CA LYS B 202 18.45 6.45 15.08
C LYS B 202 17.67 6.82 16.34
N GLU B 203 17.87 8.03 16.86
CA GLU B 203 17.16 8.45 18.07
C GLU B 203 15.70 8.81 17.79
N GLN B 204 15.39 9.24 16.56
CA GLN B 204 13.99 9.43 16.19
C GLN B 204 13.30 8.09 16.04
N LEU B 205 13.99 7.12 15.44
CA LEU B 205 13.49 5.76 15.42
C LEU B 205 13.30 5.24 16.83
N LYS B 206 14.25 5.53 17.72
CA LYS B 206 14.14 5.12 19.11
C LYS B 206 12.84 5.60 19.73
N LYS B 207 12.47 6.86 19.44
CA LYS B 207 11.24 7.43 19.98
C LYS B 207 10.00 6.65 19.56
N HIS B 208 10.07 5.91 18.45
CA HIS B 208 8.94 5.11 17.97
C HIS B 208 9.02 3.65 18.40
N THR B 209 10.22 3.08 18.45
CA THR B 209 10.41 1.67 18.79
C THR B 209 10.17 1.41 20.27
N ILE B 210 10.50 2.37 21.12
CA ILE B 210 10.24 2.28 22.55
C ILE B 210 8.76 2.03 22.82
N LEU B 211 7.90 2.70 22.06
CA LEU B 211 6.46 2.58 22.15
C LEU B 211 5.95 1.29 21.50
N ALA B 212 6.81 0.58 20.77
CA ALA B 212 6.38 -0.50 19.90
C ALA B 212 6.19 -1.80 20.68
N ASP B 213 5.03 -2.44 20.47
CA ASP B 213 4.81 -3.81 20.94
C ASP B 213 5.41 -4.86 20.00
N ILE B 214 5.71 -4.47 18.75
CA ILE B 214 6.33 -5.34 17.75
C ILE B 214 7.26 -4.48 16.92
N VAL B 215 8.55 -4.72 17.02
CA VAL B 215 9.52 -4.06 16.16
C VAL B 215 9.92 -5.08 15.08
N ILE B 216 9.86 -4.65 13.82
CA ILE B 216 10.20 -5.50 12.67
C ILE B 216 11.27 -4.75 11.89
N SER B 217 12.50 -5.22 11.95
CA SER B 217 13.59 -4.53 11.29
C SER B 217 13.94 -5.28 10.00
N ALA B 218 13.96 -4.53 8.91
CA ALA B 218 14.24 -5.01 7.57
C ALA B 218 15.06 -3.97 6.83
N ALA B 219 16.02 -3.36 7.54
CA ALA B 219 16.80 -2.24 7.01
C ALA B 219 18.15 -2.66 6.44
N GLY B 220 18.66 -3.82 6.83
CA GLY B 220 19.98 -4.26 6.39
C GLY B 220 21.12 -3.44 6.93
N ILE B 221 21.03 -2.99 8.18
CA ILE B 221 22.18 -2.38 8.84
C ILE B 221 22.31 -3.06 10.21
N PRO B 222 23.49 -3.59 10.54
CA PRO B 222 23.62 -4.35 11.77
C PRO B 222 23.52 -3.46 12.98
N ASN B 223 23.04 -4.04 14.07
CA ASN B 223 22.95 -3.39 15.36
C ASN B 223 22.05 -2.16 15.32
N LEU B 224 21.25 -2.04 14.26
CA LEU B 224 20.22 -1.02 14.25
C LEU B 224 19.31 -1.13 15.46
N ILE B 225 18.91 -2.35 15.82
CA ILE B 225 18.07 -2.58 16.99
C ILE B 225 18.97 -3.02 18.14
N THR B 226 18.91 -2.27 19.25
CA THR B 226 19.59 -2.60 20.50
C THR B 226 18.58 -2.51 21.64
N ALA B 227 18.92 -3.09 22.80
CA ALA B 227 17.90 -3.27 23.84
C ALA B 227 17.35 -1.93 24.33
N ASP B 228 18.17 -0.88 24.28
CA ASP B 228 17.75 0.43 24.75
C ASP B 228 16.58 0.98 23.95
N MET B 229 16.17 0.28 22.89
CA MET B 229 15.11 0.79 22.03
C MET B 229 13.83 -0.01 22.12
N ILE B 230 13.88 -1.16 22.75
CA ILE B 230 12.72 -1.99 22.88
C ILE B 230 12.13 -1.72 24.25
N LYS B 231 10.83 -1.96 24.42
CA LYS B 231 10.28 -2.02 25.76
C LYS B 231 10.13 -3.49 26.16
N GLU B 232 10.02 -3.70 27.46
CA GLU B 232 10.01 -5.06 27.98
C GLU B 232 8.88 -5.87 27.35
N GLY B 233 9.20 -7.08 26.90
CA GLY B 233 8.20 -8.00 26.41
C GLY B 233 7.72 -7.75 25.00
N ALA B 234 8.28 -6.75 24.32
CA ALA B 234 7.91 -6.53 22.94
C ALA B 234 8.47 -7.65 22.08
N ALA B 235 7.84 -7.86 20.92
CA ALA B 235 8.29 -8.85 19.96
C ALA B 235 9.19 -8.15 18.93
N VAL B 236 10.38 -8.70 18.72
CA VAL B 236 11.35 -8.17 17.77
C VAL B 236 11.54 -9.21 16.68
N ILE B 237 11.33 -8.80 15.42
CA ILE B 237 11.39 -9.70 14.29
C ILE B 237 12.43 -9.19 13.31
N ASP B 238 13.47 -9.97 13.09
CA ASP B 238 14.66 -9.54 12.37
C ASP B 238 14.57 -10.03 10.95
N VAL B 239 14.42 -9.10 10.00
CA VAL B 239 14.34 -9.45 8.59
C VAL B 239 15.65 -9.14 7.87
N GLY B 240 16.59 -8.45 8.53
CA GLY B 240 17.81 -8.08 7.86
C GLY B 240 18.70 -9.27 7.58
N ILE B 241 19.56 -9.12 6.56
CA ILE B 241 20.57 -10.11 6.23
C ILE B 241 21.86 -9.34 5.96
N ASN B 242 22.81 -9.39 6.90
CA ASN B 242 24.05 -8.61 6.83
C ASN B 242 25.25 -9.53 6.98
N ARG B 243 26.37 -9.12 6.38
CA ARG B 243 27.65 -9.80 6.52
C ARG B 243 28.62 -8.94 7.31
N VAL B 244 29.28 -9.55 8.29
CA VAL B 244 30.15 -8.85 9.23
C VAL B 244 31.10 -9.82 9.95
N PRO B 252 33.93 -13.39 8.54
CA PRO B 252 32.93 -13.55 7.47
C PRO B 252 31.65 -14.22 7.97
N LYS B 253 30.74 -13.43 8.54
CA LYS B 253 29.60 -13.96 9.28
C LYS B 253 28.31 -13.31 8.79
N LEU B 254 27.19 -14.01 8.97
CA LEU B 254 25.88 -13.54 8.52
C LEU B 254 25.01 -13.23 9.73
N VAL B 255 24.53 -11.98 9.81
CA VAL B 255 23.76 -11.52 10.96
C VAL B 255 22.60 -10.64 10.53
N GLY B 256 21.66 -10.44 11.44
CA GLY B 256 20.49 -9.61 11.22
C GLY B 256 20.72 -8.15 11.58
N ASP B 257 19.60 -7.45 11.81
CA ASP B 257 19.63 -6.03 12.13
C ASP B 257 19.57 -5.78 13.63
N VAL B 258 19.36 -6.82 14.43
CA VAL B 258 19.23 -6.67 15.86
C VAL B 258 20.56 -7.04 16.51
N ASP B 259 20.75 -6.57 17.74
CA ASP B 259 21.79 -7.04 18.67
C ASP B 259 21.16 -8.21 19.41
N PHE B 260 21.39 -9.42 18.91
CA PHE B 260 20.65 -10.58 19.37
C PHE B 260 20.83 -10.81 20.88
N GLU B 261 22.08 -10.79 21.34
CA GLU B 261 22.35 -11.07 22.75
C GLU B 261 21.69 -10.04 23.65
N GLY B 262 21.92 -8.76 23.36
CA GLY B 262 21.40 -7.70 24.21
C GLY B 262 19.88 -7.60 24.21
N VAL B 263 19.25 -7.80 23.05
CA VAL B 263 17.81 -7.67 23.01
C VAL B 263 17.13 -8.90 23.60
N ARG B 264 17.85 -10.02 23.68
CA ARG B 264 17.32 -11.26 24.23
C ARG B 264 16.97 -11.13 25.71
N GLN B 265 17.55 -10.14 26.40
CA GLN B 265 17.18 -9.83 27.78
C GLN B 265 15.87 -9.05 27.83
N LYS B 266 15.81 -7.90 27.15
CA LYS B 266 14.65 -7.03 27.30
C LYS B 266 13.46 -7.56 26.51
N ALA B 267 13.68 -8.18 25.36
CA ALA B 267 12.57 -8.53 24.48
C ALA B 267 11.71 -9.63 25.11
N GLY B 268 10.47 -9.68 24.66
CA GLY B 268 9.62 -10.80 25.04
C GLY B 268 9.65 -11.92 24.02
N TYR B 269 9.94 -11.56 22.76
CA TYR B 269 10.14 -12.52 21.68
C TYR B 269 11.23 -11.99 20.76
N ILE B 270 11.97 -12.90 20.12
CA ILE B 270 13.04 -12.52 19.20
C ILE B 270 13.23 -13.65 18.18
N THR B 271 13.60 -13.24 16.93
CA THR B 271 13.88 -14.23 15.90
C THR B 271 15.37 -14.22 15.58
N PRO B 272 15.98 -15.39 15.44
CA PRO B 272 17.40 -15.45 15.10
C PRO B 272 17.62 -15.22 13.61
N VAL B 273 18.86 -14.89 13.27
CA VAL B 273 19.29 -14.81 11.88
C VAL B 273 20.67 -15.44 11.77
N PRO B 274 20.84 -16.56 11.03
CA PRO B 274 19.82 -17.16 10.14
C PRO B 274 18.81 -18.00 10.91
N GLY B 275 17.96 -18.73 10.19
CA GLY B 275 16.95 -19.58 10.77
C GLY B 275 15.71 -18.89 11.29
N GLY B 276 15.49 -17.62 10.93
CA GLY B 276 14.33 -16.88 11.37
C GLY B 276 13.34 -16.53 10.26
N VAL B 277 13.38 -15.28 9.77
CA VAL B 277 12.46 -14.90 8.70
C VAL B 277 12.78 -15.64 7.41
N GLY B 278 14.07 -15.86 7.14
CA GLY B 278 14.51 -16.50 5.92
C GLY B 278 13.71 -17.75 5.57
N PRO B 279 13.72 -18.75 6.45
CA PRO B 279 12.97 -19.99 6.17
C PRO B 279 11.49 -19.77 6.03
N MET B 280 10.95 -18.76 6.71
CA MET B 280 9.54 -18.41 6.54
C MET B 280 9.27 -17.93 5.12
N THR B 281 10.19 -17.11 4.57
CA THR B 281 10.02 -16.63 3.20
C THR B 281 9.92 -17.80 2.24
N VAL B 282 10.81 -18.79 2.39
CA VAL B 282 10.80 -19.94 1.49
C VAL B 282 9.52 -20.74 1.67
N ALA B 283 9.04 -20.87 2.90
CA ALA B 283 7.83 -21.64 3.17
C ALA B 283 6.60 -20.99 2.55
N MET B 284 6.43 -19.68 2.74
CA MET B 284 5.23 -19.04 2.20
C MET B 284 5.20 -19.11 0.67
N LEU B 285 6.37 -19.18 0.03
CA LEU B 285 6.40 -19.30 -1.42
C LEU B 285 5.84 -20.64 -1.89
N MET B 286 5.97 -21.70 -1.06
CA MET B 286 5.30 -22.97 -1.38
C MET B 286 3.78 -22.83 -1.32
N LYS B 287 3.25 -22.12 -0.31
CA LYS B 287 1.82 -21.84 -0.24
C LYS B 287 1.35 -21.10 -1.50
N ASN B 288 2.09 -20.08 -1.93
CA ASN B 288 1.68 -19.36 -3.13
C ASN B 288 1.70 -20.24 -4.36
N THR B 289 2.58 -21.24 -4.38
CA THR B 289 2.68 -22.10 -5.56
C THR B 289 1.49 -23.05 -5.66
N ILE B 290 1.11 -23.71 -4.57
CA ILE B 290 -0.09 -24.56 -4.64
C ILE B 290 -1.31 -23.71 -4.96
N ILE B 291 -1.38 -22.49 -4.40
CA ILE B 291 -2.46 -21.57 -4.74
C ILE B 291 -2.49 -21.32 -6.24
N ALA B 292 -1.35 -20.97 -6.82
CA ALA B 292 -1.31 -20.68 -8.26
C ALA B 292 -1.76 -21.89 -9.08
N ALA B 293 -1.30 -23.09 -8.70
CA ALA B 293 -1.64 -24.29 -9.44
C ALA B 293 -3.14 -24.53 -9.47
N LYS B 294 -3.86 -24.07 -8.45
CA LYS B 294 -5.27 -24.38 -8.35
C LYS B 294 -6.16 -23.41 -9.11
N LYS B 295 -5.70 -22.19 -9.38
CA LYS B 295 -6.46 -21.25 -10.20
C LYS B 295 -7.88 -21.02 -9.68
C2 J4L C . -7.86 5.34 -2.40
C4 J4L C . -10.08 5.28 -1.76
C8 J4L C . -12.09 4.67 -1.50
C5 J4L C . -10.23 4.10 -2.38
C6 J4L C . -9.20 3.52 -3.02
CAA J4L C . -14.14 5.07 -0.02
CAB J4L C . -15.28 5.97 -0.49
CAC J4L C . -16.24 6.13 0.65
CAD J4L C . -15.52 6.83 1.77
CAE J4L C . -14.29 6.04 2.25
CAF J4L C . -13.34 5.76 1.07
CAH J4L C . -3.76 2.00 -1.35
CAI J4L C . -5.06 1.58 -1.13
CAJ J4L C . -6.11 2.05 -1.89
CAK J4L C . -5.81 2.96 -2.88
CAL J4L C . -4.51 3.39 -3.13
CAM J4L C . -3.46 2.91 -2.36
CAP J4L C . -6.93 3.48 -3.75
CAW J4L C . -8.72 7.18 -1.07
CBC J4L C . -12.20 2.54 -2.73
N1 J4L C . -8.01 4.14 -3.02
N3 J4L C . -8.89 5.90 -1.77
N7 J4L C . -11.51 3.74 -2.23
N9 J4L C . -11.24 5.65 -1.21
NBD J4L C . -13.38 4.61 -1.20
O2 J4L C . -6.78 5.93 -2.41
O6 J4L C . -9.27 2.45 -3.63
OAG J4L C . -16.44 6.95 2.84
CL1 J4L C . -2.56 1.39 -0.39
CL2 J4L C . -5.35 0.45 0.12
C1 J49 D . -15.72 8.02 -5.57
C3 J49 D . -14.58 9.72 -4.42
C4 J49 D . -15.45 9.54 -3.31
C5 J49 D . -16.42 8.60 -3.31
C8 J49 D . -15.50 11.80 -2.24
C10 J49 D . -15.55 14.00 -1.10
C11 J49 D . -15.80 14.84 -2.37
C12 J49 D . -16.14 16.13 -2.27
C13 J49 D . -16.33 16.72 -0.87
C14 J49 D . -16.12 16.02 0.23
C15 J49 D . -15.72 14.54 0.09
C16 J49 D . -16.76 18.17 -0.65
C19 J49 D . -16.85 20.07 0.91
C23 J49 D . -15.95 20.59 2.03
C26 J49 D . -18.28 20.27 1.35
C27 J49 D . -18.86 19.11 2.14
C28 J49 D . -20.35 19.52 2.22
N2 J49 D . -14.72 8.95 -5.58
N6 J49 D . -16.60 7.82 -4.45
N9 J49 D . -15.20 12.61 -1.10
N17 J49 D . -16.50 18.69 0.70
N21 J49 D . -15.19 10.37 -2.15
N22 J49 D . -17.23 8.49 -2.10
O7 J49 D . -15.98 12.27 -3.22
O18 J49 D . -17.31 18.79 -1.52
O20 J49 D . -13.61 10.71 -4.24
O24 J49 D . -15.59 19.81 2.97
O25 J49 D . -15.60 21.82 1.94
O29 J49 D . -21.24 18.65 2.51
O30 J49 D . -20.68 20.76 1.98
C2 J4L E . 6.90 -6.71 -2.20
C4 J4L E . 9.14 -6.70 -2.77
C8 J4L E . 10.96 -6.49 -3.85
C5 J4L E . 8.85 -6.26 -4.01
C6 J4L E . 7.58 -6.03 -4.35
CAA J4L E . 13.23 -6.97 -3.12
CAB J4L E . 13.77 -5.76 -2.39
CAC J4L E . 14.84 -6.17 -1.40
CAD J4L E . 15.97 -6.88 -2.14
CAE J4L E . 15.41 -8.14 -2.83
CAF J4L E . 14.35 -7.71 -3.83
CAH J4L E . 3.42 -2.82 -1.64
CAI J4L E . 4.57 -2.60 -2.38
CAJ J4L E . 5.17 -3.60 -3.11
CAK J4L E . 4.59 -4.86 -3.07
CAL J4L E . 3.42 -5.09 -2.33
CAM J4L E . 2.82 -4.07 -1.61
CAP J4L E . 5.21 -6.01 -3.85
CAW J4L E . 8.52 -7.43 -0.48
CBC J4L E . 10.21 -5.68 -6.11
N1 J4L E . 6.61 -6.26 -3.44
N3 J4L E . 8.18 -6.95 -1.84
N7 J4L E . 9.99 -6.14 -4.70
N9 J4L E . 10.46 -6.84 -2.68
NBD J4L E . 12.25 -6.52 -4.12
O2 J4L E . 6.02 -6.91 -1.37
O6 J4L E . 7.28 -5.62 -5.48
OAG J4L E . 17.00 -7.25 -1.20
CL1 J4L E . 2.77 -1.56 -0.81
CL2 J4L E . 5.23 -0.99 -2.36
C1 J49 F . 12.67 -12.60 -5.88
C3 J49 F . 12.27 -12.89 -3.58
C4 J49 F . 13.55 -12.36 -3.31
C5 J49 F . 14.40 -11.96 -4.28
C8 J49 F . 14.35 -13.51 -1.39
C10 J49 F . 15.27 -14.66 0.76
C11 J49 F . 14.78 -16.09 0.58
C12 J49 F . 15.27 -17.07 1.35
C13 J49 F . 16.35 -16.74 2.39
C14 J49 F . 16.77 -15.50 2.57
C15 J49 F . 16.21 -14.39 1.66
C16 J49 F . 16.98 -17.80 3.29
C19 J49 F . 18.25 -18.38 5.32
C23 J49 F . 18.00 -17.91 6.75
C26 J49 F . 19.74 -18.66 5.03
C27 J49 F . 20.61 -17.40 5.00
C28 J49 F . 21.69 -17.54 3.86
N2 J49 F . 11.81 -12.99 -4.89
N6 J49 F . 13.95 -12.08 -5.59
N9 J49 F . 14.82 -13.52 -0.02
N17 J49 F . 17.70 -17.33 4.47
N21 J49 F . 14.03 -12.24 -1.95
N22 J49 F . 15.71 -11.42 -3.91
O7 J49 F . 14.19 -14.45 -2.10
O18 J49 F . 16.93 -18.99 3.01
O20 J49 F . 11.49 -13.29 -2.50
O24 J49 F . 18.07 -16.66 7.01
O25 J49 F . 17.71 -18.76 7.65
O29 J49 F . 22.01 -18.72 3.44
O30 J49 F . 22.26 -16.50 3.30
#